data_8KE2
#
_entry.id   8KE2
#
_cell.length_a   105.508
_cell.length_b   105.508
_cell.length_c   71.130
_cell.angle_alpha   90.000
_cell.angle_beta   90.000
_cell.angle_gamma   120.000
#
_symmetry.space_group_name_H-M   'P 64'
#
loop_
_entity.id
_entity.type
_entity.pdbx_description
1 polymer 'Pyrrolysine--tRNA ligase'
2 non-polymer 'MAGNESIUM ION'
3 non-polymer 'PHOSPHOAMINOPHOSPHONIC ACID-ADENYLATE ESTER'
4 non-polymer '(2S)-2-azanyl-3-[3-(trifluoromethyl)phenyl]propanoic acid'
5 water water
#
_entity_poly.entity_id   1
_entity_poly.type   'polypeptide(L)'
_entity_poly.pdbx_seq_one_letter_code
;MHHHHHHASAPALTKSQTDRLEVLLNPKDEISLNSGKPFRELESELLSRRKKDLQQIYAEERENYLGKLEREITRFFVDR
GFLEIKSPILIPLEYIERMGIDNDTELSKQIFRVDKNFCLRPMLAPNLYNYLRKLDRALPDPIKIFEIGPCYRKESDGKE
HLEEFTMLGFQQMGSGCTRENLESIITDFLNHLGIDFKIVGDSCMVYGDTLDVMHGDLELSSAGVGPIPLDREWGIDKPW
IGAGFGLERLLKVKHDFKNIKRAARSESYYNGISTNL
;
_entity_poly.pdbx_strand_id   A
#
loop_
_chem_comp.id
_chem_comp.type
_chem_comp.name
_chem_comp.formula
ANP non-polymer 'PHOSPHOAMINOPHOSPHONIC ACID-ADENYLATE ESTER' 'C10 H17 N6 O12 P3'
MG non-polymer 'MAGNESIUM ION' 'Mg 2'
#
# COMPACT_ATOMS: atom_id res chain seq x y z
N ALA A 12 -22.50 -33.09 -2.49
CA ALA A 12 -21.13 -32.57 -2.40
C ALA A 12 -20.89 -31.39 -3.38
N LEU A 13 -20.21 -30.34 -2.92
CA LEU A 13 -19.96 -29.16 -3.73
C LEU A 13 -18.73 -29.37 -4.58
N THR A 14 -18.80 -28.91 -5.83
CA THR A 14 -17.63 -28.96 -6.70
C THR A 14 -16.63 -27.89 -6.30
N LYS A 15 -15.40 -28.05 -6.79
CA LYS A 15 -14.37 -27.06 -6.54
C LYS A 15 -14.80 -25.74 -7.17
N SER A 16 -15.42 -25.81 -8.36
CA SER A 16 -15.87 -24.60 -9.04
C SER A 16 -16.97 -23.94 -8.23
N GLN A 17 -17.90 -24.74 -7.70
CA GLN A 17 -18.98 -24.20 -6.90
C GLN A 17 -18.45 -23.54 -5.63
N THR A 18 -17.45 -24.14 -4.98
CA THR A 18 -16.94 -23.53 -3.77
C THR A 18 -16.08 -22.32 -4.08
N ASP A 19 -15.39 -22.29 -5.23
CA ASP A 19 -14.75 -21.06 -5.69
C ASP A 19 -15.77 -19.94 -5.77
N ARG A 20 -16.94 -20.24 -6.33
CA ARG A 20 -17.96 -19.22 -6.49
C ARG A 20 -18.49 -18.74 -5.16
N LEU A 21 -18.73 -19.65 -4.22
CA LEU A 21 -19.21 -19.25 -2.91
C LEU A 21 -18.16 -18.46 -2.13
N GLU A 22 -16.89 -18.81 -2.27
CA GLU A 22 -15.84 -18.07 -1.57
C GLU A 22 -15.77 -16.62 -2.07
N VAL A 23 -15.94 -16.41 -3.37
CA VAL A 23 -15.99 -15.05 -3.90
C VAL A 23 -17.05 -14.23 -3.17
N LEU A 24 -18.18 -14.86 -2.81
CA LEU A 24 -19.30 -14.18 -2.16
C LEU A 24 -19.19 -14.15 -0.64
N LEU A 25 -18.27 -14.88 -0.06
CA LEU A 25 -18.10 -14.90 1.36
C LEU A 25 -17.26 -13.75 1.92
N ASN A 26 -17.75 -13.10 2.94
CA ASN A 26 -17.01 -12.01 3.59
C ASN A 26 -16.41 -12.60 4.88
N PRO A 27 -15.22 -12.17 5.26
CA PRO A 27 -14.52 -12.74 6.41
C PRO A 27 -15.30 -12.93 7.72
N LYS A 28 -16.21 -12.02 8.04
CA LYS A 28 -16.97 -12.13 9.27
C LYS A 28 -18.28 -12.89 9.12
N ASP A 29 -18.53 -13.46 7.94
CA ASP A 29 -19.79 -14.14 7.70
C ASP A 29 -19.79 -15.37 8.58
N GLU A 30 -20.91 -15.68 9.22
CA GLU A 30 -20.93 -16.86 10.05
C GLU A 30 -21.60 -18.00 9.32
N ILE A 31 -21.21 -18.22 8.08
CA ILE A 31 -21.84 -19.28 7.30
C ILE A 31 -20.89 -20.44 7.04
N SER A 32 -21.34 -21.64 7.35
CA SER A 32 -20.53 -22.82 7.12
C SER A 32 -21.01 -23.45 5.83
N LEU A 33 -20.14 -23.40 4.82
CA LEU A 33 -20.44 -23.96 3.51
C LEU A 33 -20.61 -25.46 3.58
N ASN A 34 -19.92 -26.04 4.57
CA ASN A 34 -19.86 -27.48 4.80
C ASN A 34 -21.22 -28.09 5.11
N SER A 35 -22.20 -27.21 5.28
CA SER A 35 -23.57 -27.61 5.57
C SER A 35 -24.20 -28.35 4.37
N GLY A 36 -25.20 -29.15 4.67
CA GLY A 36 -25.91 -29.96 3.69
C GLY A 36 -26.65 -29.24 2.59
N LYS A 37 -27.02 -27.99 2.81
CA LYS A 37 -27.79 -27.23 1.83
C LYS A 37 -27.08 -27.14 0.47
N PRO A 38 -27.87 -27.26 -0.59
CA PRO A 38 -27.39 -27.24 -1.97
C PRO A 38 -26.82 -25.91 -2.45
N PHE A 39 -25.85 -25.98 -3.36
CA PHE A 39 -25.20 -24.82 -3.92
C PHE A 39 -26.12 -23.69 -4.24
N ARG A 40 -27.20 -23.95 -4.95
CA ARG A 40 -28.08 -22.88 -5.39
C ARG A 40 -28.65 -22.10 -4.23
N GLU A 41 -28.95 -22.79 -3.13
CA GLU A 41 -29.42 -22.17 -1.90
C GLU A 41 -28.38 -21.37 -1.14
N LEU A 42 -27.21 -21.95 -0.98
CA LEU A 42 -26.09 -21.20 -0.41
C LEU A 42 -25.77 -19.95 -1.23
N GLU A 43 -25.70 -20.10 -2.56
CA GLU A 43 -25.39 -18.96 -3.42
C GLU A 43 -26.46 -17.88 -3.29
N SER A 44 -27.73 -18.28 -3.30
CA SER A 44 -28.79 -17.29 -3.20
C SER A 44 -28.74 -16.56 -1.86
N GLU A 45 -28.34 -17.26 -0.79
CA GLU A 45 -28.23 -16.65 0.51
C GLU A 45 -27.08 -15.64 0.53
N LEU A 46 -25.93 -16.01 -0.01
CA LEU A 46 -24.80 -15.08 -0.02
C LEU A 46 -25.07 -13.88 -0.94
N LEU A 47 -25.70 -14.12 -2.10
CA LEU A 47 -26.06 -13.03 -2.99
C LEU A 47 -26.91 -12.00 -2.26
N SER A 48 -27.87 -12.47 -1.48
CA SER A 48 -28.74 -11.56 -0.74
C SER A 48 -27.94 -10.76 0.29
N ARG A 49 -26.97 -11.39 0.96
CA ARG A 49 -26.18 -10.67 1.94
C ARG A 49 -25.29 -9.63 1.29
N ARG A 50 -24.61 -10.00 0.20
CA ARG A 50 -23.70 -9.06 -0.45
C ARG A 50 -24.46 -7.90 -1.06
N LYS A 51 -25.63 -8.15 -1.66
CA LYS A 51 -26.43 -7.04 -2.17
C LYS A 51 -26.83 -6.09 -1.04
N LYS A 52 -27.19 -6.63 0.13
CA LYS A 52 -27.59 -5.75 1.21
C LYS A 52 -26.39 -4.98 1.77
N ASP A 53 -25.21 -5.63 1.83
CA ASP A 53 -23.99 -4.90 2.19
C ASP A 53 -23.76 -3.70 1.28
N LEU A 54 -23.99 -3.86 -0.04
CA LEU A 54 -23.78 -2.75 -0.96
C LEU A 54 -24.86 -1.71 -0.80
N GLN A 55 -26.10 -2.13 -0.62
CA GLN A 55 -27.17 -1.16 -0.38
C GLN A 55 -26.86 -0.31 0.84
N GLN A 56 -26.35 -0.94 1.92
CA GLN A 56 -26.05 -0.19 3.13
C GLN A 56 -24.94 0.83 2.89
N ILE A 57 -23.86 0.43 2.21
CA ILE A 57 -22.82 1.40 1.85
C ILE A 57 -23.42 2.54 1.03
N TYR A 58 -24.26 2.20 0.05
CA TYR A 58 -24.84 3.23 -0.80
C TYR A 58 -25.75 4.16 -0.02
N ALA A 59 -26.44 3.63 0.98
CA ALA A 59 -27.39 4.44 1.74
C ALA A 59 -26.71 5.36 2.74
N GLU A 60 -25.61 4.93 3.35
CA GLU A 60 -25.15 5.65 4.52
C GLU A 60 -23.78 6.30 4.35
N GLU A 61 -22.72 5.54 4.03
CA GLU A 61 -21.42 6.19 3.97
C GLU A 61 -20.93 6.52 2.58
N ARG A 62 -20.83 5.55 1.67
CA ARG A 62 -20.51 5.75 0.26
C ARG A 62 -19.04 6.04 -0.03
N GLU A 63 -18.13 5.84 0.92
CA GLU A 63 -16.73 6.14 0.67
C GLU A 63 -15.97 4.87 0.30
N ASN A 64 -15.04 5.02 -0.63
CA ASN A 64 -14.22 3.89 -1.07
C ASN A 64 -13.12 3.61 -0.04
N TYR A 65 -12.89 2.32 0.26
CA TYR A 65 -11.88 1.94 1.26
C TYR A 65 -10.52 2.56 0.96
N LEU A 66 -10.05 2.41 -0.28
CA LEU A 66 -8.72 2.89 -0.65
C LEU A 66 -8.65 4.41 -0.55
N GLY A 67 -9.66 5.11 -1.09
CA GLY A 67 -9.66 6.57 -0.98
C GLY A 67 -9.75 7.05 0.47
N LYS A 68 -10.65 6.45 1.25
CA LYS A 68 -10.81 6.84 2.65
C LYS A 68 -9.54 6.60 3.44
N LEU A 69 -8.88 5.46 3.23
CA LEU A 69 -7.61 5.22 3.88
C LEU A 69 -6.60 6.28 3.50
N GLU A 70 -6.50 6.60 2.20
CA GLU A 70 -5.59 7.66 1.76
C GLU A 70 -5.90 8.97 2.48
N ARG A 71 -7.17 9.30 2.64
CA ARG A 71 -7.51 10.56 3.31
C ARG A 71 -7.14 10.50 4.79
N GLU A 72 -7.37 9.35 5.42
CA GLU A 72 -7.02 9.19 6.82
C GLU A 72 -5.51 9.30 7.03
N ILE A 73 -4.73 8.61 6.20
CA ILE A 73 -3.27 8.70 6.28
C ILE A 73 -2.79 10.13 6.01
N THR A 74 -3.40 10.81 5.03
CA THR A 74 -3.00 12.18 4.72
C THR A 74 -3.19 13.08 5.93
N ARG A 75 -4.33 12.94 6.61
CA ARG A 75 -4.61 13.73 7.80
C ARG A 75 -3.59 13.45 8.88
N PHE A 76 -3.23 12.19 9.08
CA PHE A 76 -2.23 11.85 10.09
C PHE A 76 -0.92 12.58 9.84
N PHE A 77 -0.37 12.44 8.62
CA PHE A 77 0.95 13.00 8.38
C PHE A 77 0.91 14.52 8.29
N VAL A 78 -0.15 15.09 7.73
CA VAL A 78 -0.28 16.55 7.73
C VAL A 78 -0.26 17.08 9.16
N ASP A 79 -1.00 16.42 10.06
CA ASP A 79 -1.07 16.86 11.45
C ASP A 79 0.26 16.70 12.16
N ARG A 80 1.08 15.73 11.76
CA ARG A 80 2.41 15.57 12.33
C ARG A 80 3.46 16.45 11.63
N GLY A 81 3.04 17.33 10.71
CA GLY A 81 3.95 18.30 10.13
C GLY A 81 4.63 17.90 8.84
N PHE A 82 4.13 16.88 8.15
CA PHE A 82 4.71 16.47 6.87
C PHE A 82 3.96 17.15 5.73
N LEU A 83 4.72 17.65 4.75
CA LEU A 83 4.14 18.29 3.58
C LEU A 83 3.59 17.22 2.63
N GLU A 84 2.37 17.42 2.14
CA GLU A 84 1.75 16.45 1.24
C GLU A 84 2.23 16.67 -0.19
N ILE A 85 2.87 15.64 -0.76
CA ILE A 85 3.42 15.67 -2.12
C ILE A 85 2.52 14.87 -3.06
N LYS A 86 2.33 15.37 -4.27
CA LYS A 86 1.72 14.62 -5.38
C LYS A 86 2.63 14.80 -6.58
N SER A 87 3.43 13.77 -6.91
CA SER A 87 4.43 13.88 -7.96
C SER A 87 4.12 12.90 -9.09
N PRO A 88 4.83 12.95 -10.22
CA PRO A 88 4.43 12.14 -11.38
C PRO A 88 4.42 10.65 -11.08
N ILE A 89 3.46 9.95 -11.68
CA ILE A 89 3.43 8.49 -11.63
C ILE A 89 4.26 7.91 -12.78
N LEU A 90 4.18 8.56 -13.94
CA LEU A 90 5.00 8.21 -15.09
C LEU A 90 6.31 8.98 -14.99
N ILE A 91 7.42 8.28 -14.76
CA ILE A 91 8.70 8.91 -14.42
C ILE A 91 9.75 8.53 -15.46
N PRO A 92 10.84 9.31 -15.55
CA PRO A 92 11.95 8.94 -16.44
C PRO A 92 12.57 7.61 -16.04
N LEU A 93 12.83 6.77 -17.06
CA LEU A 93 13.43 5.47 -16.82
C LEU A 93 14.79 5.61 -16.15
N GLU A 94 15.47 6.74 -16.37
CA GLU A 94 16.77 6.99 -15.77
C GLU A 94 16.70 7.04 -14.24
N TYR A 95 15.54 7.37 -13.68
CA TYR A 95 15.42 7.36 -12.22
C TYR A 95 15.66 5.96 -11.66
N ILE A 96 15.34 4.91 -12.42
CA ILE A 96 15.47 3.56 -11.91
C ILE A 96 16.94 3.18 -11.80
N GLU A 97 17.70 3.41 -12.88
CA GLU A 97 19.13 3.14 -12.82
C GLU A 97 19.81 3.95 -11.73
N ARG A 98 19.52 5.26 -11.68
CA ARG A 98 20.12 6.12 -10.66
C ARG A 98 19.75 5.67 -9.25
N MET A 99 18.69 4.87 -9.10
CA MET A 99 18.40 4.27 -7.79
C MET A 99 19.29 3.07 -7.49
N GLY A 100 20.25 2.75 -8.35
CA GLY A 100 21.08 1.57 -8.16
C GLY A 100 20.43 0.28 -8.63
N ILE A 101 19.39 0.36 -9.46
CA ILE A 101 18.64 -0.80 -9.90
C ILE A 101 19.07 -1.15 -11.31
N ASP A 102 19.57 -2.37 -11.48
CA ASP A 102 20.04 -2.92 -12.75
C ASP A 102 19.92 -4.43 -12.65
N ASN A 103 20.44 -5.14 -13.65
CA ASN A 103 20.54 -6.60 -13.55
C ASN A 103 21.17 -7.00 -12.22
N ASP A 104 20.70 -8.15 -11.69
CA ASP A 104 21.04 -8.76 -10.38
C ASP A 104 20.23 -8.18 -9.22
N THR A 105 19.25 -7.32 -9.53
CA THR A 105 18.29 -6.84 -8.55
C THR A 105 16.92 -7.32 -9.02
N GLU A 106 16.06 -7.69 -8.07
CA GLU A 106 14.74 -8.18 -8.44
C GLU A 106 13.97 -7.09 -9.17
N LEU A 107 13.91 -5.90 -8.58
CA LEU A 107 13.11 -4.82 -9.13
C LEU A 107 13.46 -4.53 -10.60
N SER A 108 14.72 -4.77 -10.98
CA SER A 108 15.14 -4.56 -12.37
C SER A 108 14.14 -5.13 -13.37
N LYS A 109 13.65 -6.32 -13.14
CA LYS A 109 12.75 -6.97 -14.08
C LYS A 109 11.27 -6.74 -13.87
N GLN A 110 10.93 -5.98 -12.87
CA GLN A 110 9.52 -5.79 -12.52
C GLN A 110 8.94 -4.51 -13.09
N ILE A 111 9.69 -3.78 -13.90
CA ILE A 111 9.35 -2.42 -14.29
C ILE A 111 8.42 -2.42 -15.49
N PHE A 112 7.27 -1.74 -15.36
CA PHE A 112 6.38 -1.49 -16.50
C PHE A 112 6.92 -0.31 -17.28
N ARG A 113 7.39 -0.54 -18.48
CA ARG A 113 7.96 0.48 -19.28
C ARG A 113 6.97 1.08 -20.22
N VAL A 114 7.07 2.39 -20.40
CA VAL A 114 6.20 3.13 -21.31
C VAL A 114 7.07 3.87 -22.33
N ASP A 115 6.77 3.70 -23.61
CA ASP A 115 7.53 4.30 -24.70
C ASP A 115 9.02 3.92 -24.60
N LYS A 116 9.91 4.88 -24.81
CA LYS A 116 11.35 4.58 -24.75
C LYS A 116 12.09 5.01 -23.48
N ASN A 117 11.84 6.24 -23.04
CA ASN A 117 12.52 6.80 -21.87
C ASN A 117 11.72 6.87 -20.57
N PHE A 118 10.57 6.22 -20.51
CA PHE A 118 9.72 6.29 -19.32
C PHE A 118 9.23 4.96 -18.77
N CYS A 119 8.71 5.01 -17.55
CA CYS A 119 8.13 3.84 -16.93
C CYS A 119 7.09 4.29 -15.92
N LEU A 120 6.21 3.35 -15.55
CA LEU A 120 5.36 3.55 -14.40
C LEU A 120 6.21 3.36 -13.15
N ARG A 121 6.12 4.30 -12.23
CA ARG A 121 7.02 4.28 -11.08
C ARG A 121 6.76 3.01 -10.28
N PRO A 122 7.79 2.28 -9.89
CA PRO A 122 7.63 1.16 -8.96
C PRO A 122 7.84 1.53 -7.51
N MET A 123 8.20 2.79 -7.22
CA MET A 123 8.66 3.22 -5.90
C MET A 123 8.51 4.73 -5.83
N LEU A 124 8.47 5.27 -4.61
CA LEU A 124 8.38 6.72 -4.44
C LEU A 124 9.73 7.39 -4.19
N ALA A 125 10.78 6.64 -3.85
CA ALA A 125 12.05 7.24 -3.44
C ALA A 125 12.64 8.22 -4.45
N PRO A 126 12.63 7.95 -5.77
CA PRO A 126 13.16 8.95 -6.69
C PRO A 126 12.52 10.31 -6.53
N ASN A 127 11.20 10.39 -6.58
CA ASN A 127 10.53 11.69 -6.53
C ASN A 127 10.70 12.35 -5.15
N LEU A 128 10.66 11.55 -4.08
CA LEU A 128 10.87 12.11 -2.75
C LEU A 128 12.29 12.67 -2.60
N TYR A 129 13.30 11.93 -3.07
CA TYR A 129 14.66 12.43 -3.11
C TYR A 129 14.73 13.80 -3.78
N ASN A 130 14.11 13.92 -4.95
CA ASN A 130 14.14 15.19 -5.68
C ASN A 130 13.44 16.31 -4.90
N TYR A 131 12.36 15.96 -4.21
CA TYR A 131 11.65 16.98 -3.44
C TYR A 131 12.46 17.40 -2.21
N LEU A 132 13.12 16.44 -1.55
CA LEU A 132 13.96 16.79 -0.42
C LEU A 132 15.08 17.75 -0.85
N ARG A 133 15.72 17.47 -1.98
CA ARG A 133 16.80 18.35 -2.45
C ARG A 133 16.30 19.75 -2.76
N LYS A 134 15.19 19.86 -3.50
CA LYS A 134 14.70 21.19 -3.86
C LYS A 134 14.14 21.95 -2.66
N LEU A 135 13.41 21.26 -1.77
CA LEU A 135 12.79 21.98 -0.65
C LEU A 135 13.81 22.39 0.40
N ASP A 136 15.00 21.78 0.40
CA ASP A 136 16.05 22.14 1.35
C ASP A 136 16.57 23.55 1.12
N ARG A 137 16.29 24.12 -0.02
CA ARG A 137 16.67 25.45 -0.33
C ARG A 137 15.66 26.47 0.15
N ALA A 138 14.52 26.02 0.65
CA ALA A 138 13.43 26.91 1.03
C ALA A 138 12.92 26.69 2.46
N LEU A 139 12.97 25.47 2.93
CA LEU A 139 12.25 25.18 4.15
C LEU A 139 13.19 24.97 5.33
N PRO A 140 12.74 25.26 6.55
CA PRO A 140 13.58 25.09 7.73
C PRO A 140 13.73 23.62 8.11
N ASP A 141 14.83 23.36 8.80
CA ASP A 141 15.20 22.04 9.23
C ASP A 141 14.34 21.67 10.43
N PRO A 142 13.81 20.44 10.49
CA PRO A 142 13.96 19.38 9.49
C PRO A 142 12.89 19.44 8.40
N ILE A 143 13.15 18.75 7.30
CA ILE A 143 12.25 18.72 6.15
C ILE A 143 11.46 17.42 6.20
N LYS A 144 10.13 17.54 6.21
CA LYS A 144 9.22 16.42 6.41
C LYS A 144 8.21 16.41 5.28
N ILE A 145 8.22 15.34 4.47
CA ILE A 145 7.32 15.22 3.34
C ILE A 145 6.75 13.80 3.27
N PHE A 146 5.60 13.68 2.62
CA PHE A 146 5.06 12.36 2.34
C PHE A 146 4.26 12.42 1.04
N GLU A 147 4.04 11.25 0.45
CA GLU A 147 3.23 11.11 -0.75
C GLU A 147 2.46 9.81 -0.67
N ILE A 148 1.24 9.82 -1.20
CA ILE A 148 0.45 8.61 -1.38
C ILE A 148 -0.02 8.56 -2.83
N GLY A 149 0.18 7.44 -3.49
CA GLY A 149 -0.27 7.31 -4.86
C GLY A 149 0.10 6.00 -5.50
N PRO A 150 -0.39 5.80 -6.74
CA PRO A 150 -0.16 4.53 -7.45
C PRO A 150 1.31 4.22 -7.68
N CYS A 151 1.65 2.94 -7.60
CA CYS A 151 2.93 2.40 -8.03
C CYS A 151 2.67 1.07 -8.72
N TYR A 152 3.62 0.67 -9.58
CA TYR A 152 3.41 -0.45 -10.49
C TYR A 152 4.62 -1.36 -10.50
N ARG A 153 4.39 -2.67 -10.30
CA ARG A 153 5.43 -3.68 -10.41
C ARG A 153 4.87 -4.93 -11.06
N LYS A 154 5.61 -5.50 -12.01
CA LYS A 154 5.29 -6.84 -12.51
C LYS A 154 5.60 -7.86 -11.43
N GLU A 155 4.64 -8.73 -11.13
CA GLU A 155 4.76 -9.67 -10.02
C GLU A 155 4.22 -11.03 -10.44
N SER A 156 4.80 -12.10 -9.90
CA SER A 156 4.15 -13.40 -9.94
C SER A 156 2.82 -13.33 -9.19
N ASP A 157 1.85 -14.13 -9.65
CA ASP A 157 0.57 -14.21 -8.95
C ASP A 157 0.80 -14.44 -7.47
N GLY A 158 0.22 -13.58 -6.66
CA GLY A 158 0.39 -13.70 -5.22
C GLY A 158 -0.85 -13.27 -4.49
N LYS A 159 -0.99 -13.76 -3.28
CA LYS A 159 -2.08 -13.34 -2.46
C LYS A 159 -1.70 -12.08 -1.68
N GLU A 160 -0.42 -11.70 -1.74
CA GLU A 160 0.04 -10.47 -1.11
C GLU A 160 0.54 -9.43 -2.10
N HIS A 161 0.43 -9.68 -3.40
CA HIS A 161 1.03 -8.81 -4.40
C HIS A 161 -0.01 -8.41 -5.44
N LEU A 162 -0.05 -7.12 -5.75
CA LEU A 162 -0.78 -6.59 -6.89
C LEU A 162 0.23 -5.97 -7.84
N GLU A 163 -0.14 -5.91 -9.11
CA GLU A 163 0.77 -5.25 -10.06
C GLU A 163 0.55 -3.76 -10.03
N GLU A 164 -0.68 -3.35 -9.70
CA GLU A 164 -1.08 -1.95 -9.55
C GLU A 164 -1.45 -1.76 -8.09
N PHE A 165 -0.63 -1.03 -7.34
CA PHE A 165 -0.95 -0.85 -5.92
C PHE A 165 -0.75 0.62 -5.56
N THR A 166 -0.87 0.91 -4.27
CA THR A 166 -0.83 2.27 -3.74
C THR A 166 0.17 2.31 -2.59
N MET A 167 1.11 3.23 -2.68
CA MET A 167 2.20 3.33 -1.73
C MET A 167 2.11 4.63 -0.94
N LEU A 168 2.21 4.52 0.38
CA LEU A 168 2.55 5.66 1.23
C LEU A 168 4.07 5.71 1.36
N GLY A 169 4.65 6.86 1.05
CA GLY A 169 6.03 7.09 1.38
C GLY A 169 6.20 8.36 2.18
N PHE A 170 6.98 8.32 3.25
CA PHE A 170 7.30 9.53 4.01
C PHE A 170 8.79 9.58 4.31
N GLN A 171 9.33 10.80 4.35
CA GLN A 171 10.76 10.97 4.56
C GLN A 171 10.99 12.26 5.34
N GLN A 172 11.93 12.20 6.29
CA GLN A 172 12.37 13.37 7.03
C GLN A 172 13.87 13.54 6.82
N MET A 173 14.30 14.78 6.60
CA MET A 173 15.70 15.07 6.30
C MET A 173 16.21 16.18 7.21
N GLY A 174 17.39 15.95 7.79
CA GLY A 174 18.04 16.94 8.63
C GLY A 174 18.17 16.50 10.07
N SER A 175 17.80 17.37 10.98
CA SER A 175 17.93 17.01 12.39
C SER A 175 16.82 16.03 12.78
N GLY A 176 17.08 15.29 13.84
CA GLY A 176 16.09 14.38 14.38
C GLY A 176 15.95 13.08 13.64
N CYS A 177 16.87 12.78 12.72
CA CYS A 177 16.74 11.58 11.89
C CYS A 177 17.44 10.40 12.58
N THR A 178 16.84 9.98 13.67
CA THR A 178 17.34 8.84 14.41
C THR A 178 16.44 7.64 14.18
N ARG A 179 17.01 6.46 14.43
CA ARG A 179 16.23 5.24 14.37
C ARG A 179 15.08 5.29 15.37
N GLU A 180 15.36 5.76 16.60
CA GLU A 180 14.31 5.88 17.60
C GLU A 180 13.15 6.74 17.09
N ASN A 181 13.44 7.89 16.45
CA ASN A 181 12.35 8.73 15.97
C ASN A 181 11.61 8.06 14.84
N LEU A 182 12.32 7.30 14.01
CA LEU A 182 11.67 6.57 12.93
C LEU A 182 10.71 5.51 13.49
N GLU A 183 11.18 4.71 14.45
CA GLU A 183 10.30 3.69 15.04
C GLU A 183 9.09 4.34 15.70
N SER A 184 9.24 5.53 16.25
CA SER A 184 8.13 6.20 16.91
C SER A 184 7.07 6.63 15.90
N ILE A 185 7.47 7.14 14.73
CA ILE A 185 6.51 7.48 13.69
C ILE A 185 5.74 6.24 13.25
N ILE A 186 6.46 5.16 12.96
CA ILE A 186 5.82 3.92 12.55
C ILE A 186 4.86 3.43 13.64
N THR A 187 5.29 3.48 14.89
CA THR A 187 4.48 2.94 15.98
C THR A 187 3.22 3.79 16.17
N ASP A 188 3.37 5.11 16.21
CA ASP A 188 2.18 5.96 16.34
C ASP A 188 1.23 5.76 15.18
N PHE A 189 1.78 5.63 13.97
CA PHE A 189 0.97 5.52 12.76
C PHE A 189 0.12 4.26 12.76
N LEU A 190 0.74 3.10 13.00
CA LEU A 190 -0.02 1.85 12.93
C LEU A 190 -0.92 1.66 14.15
N ASN A 191 -0.57 2.23 15.31
CA ASN A 191 -1.50 2.23 16.44
C ASN A 191 -2.69 3.14 16.16
N HIS A 192 -2.48 4.22 15.41
CA HIS A 192 -3.57 5.11 15.05
C HIS A 192 -4.56 4.44 14.10
N LEU A 193 -4.05 3.64 13.14
CA LEU A 193 -4.88 2.88 12.20
C LEU A 193 -5.48 1.61 12.81
N GLY A 194 -4.89 1.09 13.89
CA GLY A 194 -5.37 -0.12 14.49
C GLY A 194 -4.86 -1.37 13.78
N ILE A 195 -3.58 -1.38 13.47
CA ILE A 195 -2.97 -2.47 12.72
C ILE A 195 -1.81 -3.02 13.52
N ASP A 196 -1.89 -4.30 13.89
CA ASP A 196 -0.85 -4.93 14.68
C ASP A 196 0.39 -5.12 13.81
N PHE A 197 1.55 -5.08 14.46
CA PHE A 197 2.82 -5.11 13.73
C PHE A 197 3.93 -5.48 14.69
N LYS A 198 5.08 -5.82 14.12
CA LYS A 198 6.35 -5.92 14.82
C LYS A 198 7.42 -5.32 13.92
N ILE A 199 8.38 -4.63 14.51
CA ILE A 199 9.48 -4.03 13.78
C ILE A 199 10.67 -4.98 13.89
N VAL A 200 11.21 -5.40 12.74
CA VAL A 200 12.29 -6.38 12.67
C VAL A 200 13.54 -5.69 12.16
N GLY A 201 14.61 -5.73 12.96
CA GLY A 201 15.87 -5.11 12.58
C GLY A 201 17.09 -5.98 12.79
N THR A 210 18.72 -0.23 8.03
CA THR A 210 17.40 -0.66 7.55
C THR A 210 16.64 -1.52 8.56
N LEU A 211 15.33 -1.58 8.32
CA LEU A 211 14.35 -2.28 9.15
C LEU A 211 13.04 -2.50 8.38
N ASP A 212 12.30 -3.55 8.78
CA ASP A 212 11.05 -3.94 8.14
C ASP A 212 9.95 -4.01 9.18
N VAL A 213 8.75 -3.57 8.78
CA VAL A 213 7.57 -3.59 9.64
C VAL A 213 6.72 -4.76 9.18
N MET A 214 6.58 -5.78 10.02
CA MET A 214 5.92 -7.02 9.66
C MET A 214 4.58 -7.17 10.35
N HIS A 215 3.64 -7.79 9.65
CA HIS A 215 2.44 -8.37 10.25
C HIS A 215 2.51 -9.87 9.99
N GLY A 216 2.92 -10.63 11.00
CA GLY A 216 3.22 -12.03 10.78
C GLY A 216 4.29 -12.17 9.72
N ASP A 217 3.98 -12.89 8.65
CA ASP A 217 4.90 -13.04 7.54
C ASP A 217 4.69 -12.00 6.45
N LEU A 218 3.69 -11.14 6.60
CA LEU A 218 3.37 -10.13 5.60
C LEU A 218 4.17 -8.85 5.87
N GLU A 219 4.94 -8.40 4.90
CA GLU A 219 5.66 -7.14 5.05
C GLU A 219 4.74 -5.95 4.77
N LEU A 220 4.49 -5.14 5.80
CA LEU A 220 3.74 -3.90 5.65
C LEU A 220 4.61 -2.78 5.13
N SER A 221 5.89 -2.75 5.52
CA SER A 221 6.73 -1.62 5.22
C SER A 221 8.19 -2.05 5.23
N SER A 222 8.99 -1.39 4.41
CA SER A 222 10.43 -1.33 4.62
C SER A 222 10.81 0.13 4.91
N ALA A 223 11.71 0.31 5.86
CA ALA A 223 12.09 1.64 6.30
C ALA A 223 13.61 1.75 6.24
N GLY A 224 14.10 2.98 6.24
CA GLY A 224 15.52 3.23 6.09
C GLY A 224 15.98 4.42 6.91
N VAL A 225 17.26 4.38 7.29
CA VAL A 225 17.95 5.47 7.98
C VAL A 225 19.15 5.88 7.11
N GLY A 226 19.17 7.12 6.68
CA GLY A 226 20.32 7.62 5.93
C GLY A 226 21.24 8.34 6.90
N PRO A 227 22.41 8.83 6.40
CA PRO A 227 22.80 8.78 5.00
C PRO A 227 23.32 7.44 4.52
N ILE A 228 23.24 7.26 3.21
CA ILE A 228 23.79 6.10 2.52
C ILE A 228 24.53 6.63 1.29
N PRO A 229 25.45 5.85 0.74
CA PRO A 229 26.22 6.36 -0.41
C PRO A 229 25.34 6.78 -1.59
N LEU A 230 24.18 6.13 -1.80
CA LEU A 230 23.28 6.50 -2.91
C LEU A 230 22.83 7.95 -2.86
N ASP A 231 22.68 8.53 -1.65
CA ASP A 231 22.19 9.91 -1.51
C ASP A 231 22.94 10.89 -2.38
N ARG A 232 24.24 10.66 -2.59
CA ARG A 232 25.06 11.61 -3.34
C ARG A 232 24.59 11.74 -4.79
N GLU A 233 24.15 10.63 -5.41
CA GLU A 233 23.66 10.71 -6.79
C GLU A 233 22.46 11.64 -6.91
N TRP A 234 21.69 11.79 -5.84
CA TRP A 234 20.48 12.59 -5.85
C TRP A 234 20.69 13.99 -5.29
N GLY A 235 21.93 14.35 -4.96
CA GLY A 235 22.20 15.68 -4.45
C GLY A 235 21.82 15.83 -2.99
N ILE A 236 21.79 14.73 -2.25
CA ILE A 236 21.40 14.71 -0.85
C ILE A 236 22.65 14.50 0.01
N ASP A 237 22.85 15.38 1.01
CA ASP A 237 24.02 15.25 1.87
C ASP A 237 23.67 15.46 3.35
N LYS A 238 22.48 15.07 3.78
CA LYS A 238 22.05 15.21 5.16
C LYS A 238 21.51 13.88 5.64
N PRO A 239 21.42 13.67 6.94
CA PRO A 239 20.77 12.44 7.43
C PRO A 239 19.28 12.48 7.12
N TRP A 240 18.68 11.28 7.02
CA TRP A 240 17.26 11.18 6.75
C TRP A 240 16.74 9.89 7.35
N ILE A 241 15.42 9.84 7.52
CA ILE A 241 14.70 8.62 7.86
C ILE A 241 13.45 8.54 6.99
N GLY A 242 12.97 7.33 6.72
CA GLY A 242 11.77 7.21 5.92
C GLY A 242 11.28 5.77 5.87
N ALA A 243 10.11 5.60 5.27
CA ALA A 243 9.49 4.29 5.12
C ALA A 243 8.47 4.32 4.00
N GLY A 244 8.16 3.15 3.48
CA GLY A 244 7.10 3.01 2.49
C GLY A 244 6.16 1.89 2.89
N PHE A 245 4.86 2.14 2.75
CA PHE A 245 3.80 1.22 3.16
C PHE A 245 2.85 1.00 2.00
N GLY A 246 2.46 -0.25 1.77
CA GLY A 246 1.40 -0.50 0.82
C GLY A 246 0.02 -0.36 1.44
N LEU A 247 -0.82 0.53 0.91
CA LEU A 247 -2.15 0.73 1.49
C LEU A 247 -3.02 -0.52 1.36
N GLU A 248 -2.92 -1.25 0.24
CA GLU A 248 -3.76 -2.44 0.09
C GLU A 248 -3.37 -3.53 1.08
N ARG A 249 -2.07 -3.68 1.38
CA ARG A 249 -1.68 -4.58 2.48
C ARG A 249 -2.27 -4.13 3.82
N LEU A 250 -2.29 -2.82 4.08
CA LEU A 250 -2.92 -2.33 5.32
C LEU A 250 -4.40 -2.67 5.34
N LEU A 251 -5.10 -2.46 4.23
CA LEU A 251 -6.51 -2.81 4.16
C LEU A 251 -6.72 -4.32 4.29
N LYS A 252 -5.84 -5.10 3.67
CA LYS A 252 -5.92 -6.56 3.77
C LYS A 252 -5.85 -7.02 5.22
N VAL A 253 -4.95 -6.44 6.01
CA VAL A 253 -4.85 -6.80 7.42
C VAL A 253 -6.04 -6.27 8.21
N LYS A 254 -6.38 -4.99 8.02
CA LYS A 254 -7.44 -4.39 8.81
C LYS A 254 -8.77 -5.12 8.61
N HIS A 255 -9.05 -5.54 7.38
CA HIS A 255 -10.34 -6.15 7.07
C HIS A 255 -10.25 -7.66 6.98
N ASP A 256 -9.06 -8.23 7.22
CA ASP A 256 -8.89 -9.67 7.27
C ASP A 256 -9.20 -10.34 5.93
N PHE A 257 -8.96 -9.64 4.82
CA PHE A 257 -9.12 -10.26 3.51
C PHE A 257 -8.14 -11.40 3.34
N LYS A 258 -8.60 -12.49 2.75
CA LYS A 258 -7.74 -13.63 2.47
C LYS A 258 -6.84 -13.41 1.26
N ASN A 259 -7.21 -12.52 0.35
CA ASN A 259 -6.41 -12.22 -0.81
C ASN A 259 -6.43 -10.72 -1.06
N ILE A 260 -5.26 -10.15 -1.34
CA ILE A 260 -5.13 -8.70 -1.48
C ILE A 260 -5.97 -8.14 -2.63
N LYS A 261 -6.42 -8.98 -3.58
CA LYS A 261 -7.28 -8.49 -4.66
C LYS A 261 -8.57 -7.83 -4.14
N ARG A 262 -9.05 -8.21 -2.96
CA ARG A 262 -10.24 -7.60 -2.39
C ARG A 262 -10.04 -6.15 -1.98
N ALA A 263 -8.80 -5.69 -1.88
CA ALA A 263 -8.50 -4.33 -1.46
C ALA A 263 -8.06 -3.45 -2.62
N ALA A 264 -7.86 -4.04 -3.80
CA ALA A 264 -7.26 -3.32 -4.91
C ALA A 264 -8.28 -2.39 -5.58
N ARG A 265 -7.76 -1.39 -6.28
CA ARG A 265 -8.46 -0.83 -7.44
C ARG A 265 -8.98 -1.99 -8.26
N SER A 266 -10.27 -2.06 -8.45
CA SER A 266 -10.79 -3.26 -9.09
C SER A 266 -12.15 -2.96 -9.69
N GLU A 267 -12.53 -3.76 -10.69
CA GLU A 267 -13.92 -3.84 -11.09
C GLU A 267 -14.62 -5.03 -10.49
N SER A 268 -13.90 -5.92 -9.81
CA SER A 268 -14.43 -7.15 -9.23
C SER A 268 -14.81 -7.04 -7.75
N TYR A 269 -14.38 -6.00 -7.05
CA TYR A 269 -14.69 -5.86 -5.64
C TYR A 269 -14.90 -4.40 -5.32
N TYR A 270 -15.90 -4.12 -4.50
CA TYR A 270 -16.12 -2.80 -3.96
C TYR A 270 -16.03 -2.92 -2.45
N ASN A 271 -15.06 -2.22 -1.86
CA ASN A 271 -14.82 -2.30 -0.42
C ASN A 271 -14.80 -3.74 0.05
N GLY A 272 -14.16 -4.59 -0.76
CA GLY A 272 -14.05 -6.00 -0.44
C GLY A 272 -15.29 -6.84 -0.68
N ILE A 273 -16.32 -6.27 -1.29
CA ILE A 273 -17.56 -7.00 -1.59
C ILE A 273 -17.56 -7.32 -3.09
N SER A 274 -17.86 -8.57 -3.43
CA SER A 274 -17.89 -8.94 -4.84
C SER A 274 -18.89 -8.07 -5.59
N THR A 275 -18.49 -7.62 -6.77
CA THR A 275 -19.41 -6.89 -7.64
C THR A 275 -20.03 -7.78 -8.70
N ASN A 276 -19.86 -9.10 -8.59
CA ASN A 276 -20.43 -10.04 -9.57
C ASN A 276 -21.55 -10.80 -8.88
N LEU A 277 -22.71 -10.16 -8.85
CA LEU A 277 -23.84 -10.66 -8.11
C LEU A 277 -24.94 -11.12 -9.06
MG MG B . 10.88 -4.42 1.41
MG MG C . 8.42 -7.06 -4.51
PG ANP D . 7.96 -7.92 -1.01
O1G ANP D . 6.69 -8.51 -0.48
O2G ANP D . 7.81 -7.65 -2.56
O3G ANP D . 9.15 -8.93 -0.77
PB ANP D . 9.04 -5.34 -1.19
O1B ANP D . 8.90 -5.74 -2.62
O2B ANP D . 10.55 -5.24 -0.83
N3B ANP D . 8.29 -6.47 -0.20
PA ANP D . 9.16 -2.62 -0.94
O1A ANP D . 10.15 -2.58 -2.04
O2A ANP D . 9.79 -2.47 0.44
O3A ANP D . 8.34 -3.98 -0.94
O5' ANP D . 8.07 -1.50 -1.22
C5' ANP D . 7.47 -0.76 -0.13
C4' ANP D . 6.19 -1.42 0.29
O4' ANP D . 5.26 -1.45 -0.81
C3' ANP D . 6.30 -2.88 0.72
O3' ANP D . 6.70 -2.98 2.08
C2' ANP D . 4.88 -3.39 0.51
O2' ANP D . 4.04 -3.15 1.64
C1' ANP D . 4.40 -2.57 -0.69
N9 ANP D . 4.42 -3.30 -1.95
C8 ANP D . 5.50 -3.54 -2.75
N7 ANP D . 5.22 -4.22 -3.84
C5 ANP D . 3.85 -4.43 -3.75
C6 ANP D . 2.93 -5.10 -4.59
N6 ANP D . 3.28 -5.69 -5.74
N1 ANP D . 1.62 -5.13 -4.21
C2 ANP D . 1.28 -4.53 -3.06
N3 ANP D . 2.06 -3.88 -2.20
C4 ANP D . 3.34 -3.86 -2.59
CA FX9 E . 10.43 1.93 -1.58
CB FX9 E . 9.85 1.99 -0.19
CG FX9 E . 10.55 3.00 0.69
CD1 FX9 E . 11.39 2.57 1.69
CZ FX9 E . 11.82 4.81 2.30
CE2 FX9 E . 10.97 5.24 1.31
CD2 FX9 E . 10.33 4.33 0.50
C FX9 E . 10.09 3.21 -2.35
CE1 FX9 E . 12.03 3.47 2.51
C09 FX9 E . 10.72 6.70 1.09
F10 FX9 E . 10.88 6.99 -0.18
F11 FX9 E . 11.53 7.45 1.82
F12 FX9 E . 9.48 7.05 1.36
N FX9 E . 11.86 1.72 -1.50
O FX9 E . 8.94 3.55 -2.59
OXT FX9 E . 10.98 3.93 -2.75
#